data_7YCO
#
_entry.id   7YCO
#
_cell.length_a   135.966
_cell.length_b   135.966
_cell.length_c   69.556
_cell.angle_alpha   90.000
_cell.angle_beta   90.000
_cell.angle_gamma   90.000
#
_symmetry.space_group_name_H-M   'I 41'
#
loop_
_entity.id
_entity.type
_entity.pdbx_description
1 polymer 'Spike protein S1'
2 polymer 'Repebody (A6)'
3 non-polymer 2-acetamido-2-deoxy-beta-D-glucopyranose
4 water water
#
loop_
_entity_poly.entity_id
_entity_poly.type
_entity_poly.pdbx_seq_one_letter_code
_entity_poly.pdbx_strand_id
1 'polypeptide(L)'
;TNLCPFGEVFNATRFASVYAWNRKRISNCVADYSVLYNSASFSTFKCYGVSPTKLNDLCFTNVYADSFVIRGDEVRQIAP
GQTGKIADYNYKLPDDFTGCVIAWNSNNLDSKVGGNYNYLYRLFRKSNLKPFERDISTEIYQAGSTPCNGVEGFNCYFPL
QSYGFQPTNGVGYQPYRVVVLSFELLHAPATVCGPKKS
;
A
2 'polypeptide(L)'
;METITVSTPIKQIFPDDAFAETIKANLKKKSVTDAVTQNELNSIDQIYAPDSDIKSVQGIQYLPNVRSLKLRSNKLHDIS
ALKELTNLTFLFLNLNQLQSLPNGVFDKLTNLKELVLVENQLQSLPDGVFDKLTNLTLLHLMVNQLQSLPKGVFDKLTNL
TELDLSYNQLQSLPEGVFDKLTQLKDLRLYQNQLKSVPDGVFDRLTSLQYIWLHDNPWDCTCPGIRYLSEWINKHSGVVR
SFIPLWAPDSAKCSGSGKPVRSIICPT
;
B
#
# COMPACT_ATOMS: atom_id res chain seq x y z
N THR A 1 0.48 -42.42 7.02
CA THR A 1 1.71 -42.79 7.71
C THR A 1 2.93 -41.97 7.24
N ASN A 2 3.01 -41.70 5.93
CA ASN A 2 4.11 -40.92 5.36
C ASN A 2 4.19 -39.54 6.01
N LEU A 3 5.34 -38.91 5.87
CA LEU A 3 5.58 -37.62 6.52
C LEU A 3 5.14 -36.48 5.60
N CYS A 4 4.38 -35.53 6.16
CA CYS A 4 3.96 -34.37 5.38
C CYS A 4 5.17 -33.55 4.97
N PRO A 5 5.21 -33.04 3.73
CA PRO A 5 6.40 -32.34 3.21
C PRO A 5 6.48 -30.87 3.60
N PHE A 6 6.44 -30.60 4.91
CA PHE A 6 6.51 -29.21 5.36
C PHE A 6 7.92 -28.66 5.31
N GLY A 7 8.93 -29.52 5.47
CA GLY A 7 10.30 -29.06 5.26
C GLY A 7 10.52 -28.50 3.87
N GLU A 8 9.76 -28.99 2.89
CA GLU A 8 9.86 -28.48 1.52
C GLU A 8 9.21 -27.11 1.37
N VAL A 9 8.14 -26.83 2.10
CA VAL A 9 7.54 -25.52 1.99
C VAL A 9 8.30 -24.51 2.82
N PHE A 10 8.72 -24.88 4.04
CA PHE A 10 9.36 -23.91 4.93
C PHE A 10 10.84 -23.68 4.61
N ASN A 11 11.57 -24.71 4.13
CA ASN A 11 13.01 -24.59 3.92
C ASN A 11 13.40 -24.55 2.44
N ALA A 12 12.43 -24.37 1.53
CA ALA A 12 12.78 -24.15 0.13
C ALA A 12 13.79 -23.01 0.00
N THR A 13 14.68 -23.12 -0.99
CA THR A 13 15.68 -22.07 -1.16
C THR A 13 15.08 -20.81 -1.77
N ARG A 14 14.06 -20.96 -2.60
CA ARG A 14 13.39 -19.84 -3.25
C ARG A 14 11.90 -19.89 -2.96
N PHE A 15 11.31 -18.72 -2.69
CA PHE A 15 9.89 -18.55 -2.45
C PHE A 15 9.26 -17.80 -3.62
N ALA A 16 7.94 -17.91 -3.73
CA ALA A 16 7.20 -17.23 -4.78
C ALA A 16 7.02 -15.74 -4.46
N SER A 17 6.76 -14.96 -5.51
CA SER A 17 6.31 -13.59 -5.31
C SER A 17 4.87 -13.59 -4.85
N VAL A 18 4.51 -12.59 -4.04
CA VAL A 18 3.18 -12.60 -3.46
C VAL A 18 2.09 -12.57 -4.53
N TYR A 19 2.32 -11.89 -5.68
CA TYR A 19 1.26 -11.86 -6.70
C TYR A 19 1.09 -13.20 -7.37
N ALA A 20 2.19 -13.95 -7.51
CA ALA A 20 2.20 -15.32 -8.03
C ALA A 20 2.27 -16.34 -6.91
N TRP A 21 1.49 -16.16 -5.84
CA TRP A 21 1.69 -16.96 -4.64
C TRP A 21 1.54 -18.45 -4.94
N ASN A 22 2.32 -19.27 -4.23
CA ASN A 22 2.48 -20.68 -4.51
C ASN A 22 1.71 -21.53 -3.50
N ARG A 23 0.76 -22.33 -3.99
CA ARG A 23 -0.02 -23.24 -3.16
C ARG A 23 0.47 -24.68 -3.27
N LYS A 24 0.66 -25.35 -2.12
CA LYS A 24 0.97 -26.78 -2.09
C LYS A 24 -0.13 -27.52 -1.33
N ARG A 25 -0.73 -28.52 -1.97
CA ARG A 25 -1.80 -29.31 -1.36
C ARG A 25 -1.19 -30.45 -0.55
N ILE A 26 -1.49 -30.49 0.74
CA ILE A 26 -0.96 -31.52 1.64
C ILE A 26 -2.06 -32.54 1.90
N SER A 27 -1.75 -33.82 1.70
CA SER A 27 -2.71 -34.90 1.94
C SER A 27 -2.00 -36.17 2.38
N ASN A 28 -2.79 -37.09 2.96
CA ASN A 28 -2.31 -38.45 3.31
C ASN A 28 -0.98 -38.54 4.04
N CYS A 29 -0.85 -37.78 5.12
CA CYS A 29 0.46 -37.78 5.80
C CYS A 29 0.34 -37.34 7.26
N VAL A 30 1.42 -37.53 8.01
CA VAL A 30 1.44 -37.11 9.44
C VAL A 30 2.27 -35.83 9.55
N ALA A 31 1.79 -34.86 10.31
CA ALA A 31 2.46 -33.57 10.41
C ALA A 31 2.60 -33.18 11.87
N ASP A 32 3.74 -32.58 12.22
CA ASP A 32 3.98 -32.17 13.60
C ASP A 32 3.96 -30.64 13.66
N TYR A 33 2.77 -30.07 13.87
CA TYR A 33 2.65 -28.64 13.99
C TYR A 33 3.26 -28.14 15.29
N SER A 34 3.26 -28.98 16.32
CA SER A 34 3.77 -28.56 17.62
C SER A 34 5.25 -28.24 17.58
N VAL A 35 6.03 -28.98 16.77
CA VAL A 35 7.46 -28.68 16.69
C VAL A 35 7.66 -27.31 16.04
N LEU A 36 6.82 -26.96 15.07
CA LEU A 36 6.91 -25.64 14.46
C LEU A 36 6.52 -24.55 15.45
N TYR A 37 5.43 -24.77 16.18
CA TYR A 37 4.87 -23.70 17.01
C TYR A 37 5.77 -23.38 18.20
N ASN A 38 6.45 -24.38 18.75
CA ASN A 38 7.34 -24.18 19.89
C ASN A 38 8.77 -23.89 19.49
N SER A 39 9.04 -23.75 18.18
CA SER A 39 10.41 -23.69 17.69
C SER A 39 11.10 -22.35 17.93
N ALA A 40 10.35 -21.27 18.23
CA ALA A 40 10.93 -19.94 18.39
C ALA A 40 11.68 -19.49 17.13
N SER A 41 11.23 -19.97 15.95
CA SER A 41 11.76 -19.56 14.65
C SER A 41 10.94 -18.47 13.96
N PHE A 42 9.74 -18.24 14.47
CA PHE A 42 8.81 -17.36 13.72
C PHE A 42 8.50 -16.04 14.43
N SER A 43 8.31 -14.99 13.63
CA SER A 43 7.97 -13.64 14.14
C SER A 43 6.45 -13.49 14.15
N THR A 44 5.77 -14.30 13.35
CA THR A 44 4.29 -14.28 13.33
C THR A 44 3.80 -15.72 13.34
N PHE A 45 2.91 -16.06 14.27
CA PHE A 45 2.29 -17.40 14.32
C PHE A 45 0.87 -17.18 14.85
N LYS A 46 -0.03 -16.74 13.99
CA LYS A 46 -1.40 -16.43 14.44
C LYS A 46 -2.37 -17.40 13.76
N CYS A 47 -3.28 -17.96 14.55
CA CYS A 47 -4.24 -18.92 14.04
C CYS A 47 -5.65 -18.38 14.26
N TYR A 48 -6.57 -18.83 13.39
CA TYR A 48 -7.93 -18.33 13.35
C TYR A 48 -8.89 -19.51 13.25
N GLY A 49 -9.85 -19.57 14.17
CA GLY A 49 -10.81 -20.66 14.18
C GLY A 49 -10.28 -21.95 14.74
N VAL A 50 -9.05 -21.97 15.27
CA VAL A 50 -8.48 -23.17 15.85
C VAL A 50 -7.32 -22.74 16.73
N SER A 51 -7.10 -23.49 17.82
CA SER A 51 -6.01 -23.14 18.73
C SER A 51 -4.71 -23.83 18.28
N PRO A 52 -3.60 -23.10 18.28
CA PRO A 52 -2.34 -23.74 17.85
C PRO A 52 -1.89 -24.85 18.79
N THR A 53 -2.32 -24.86 20.06
CA THR A 53 -1.92 -25.94 20.95
C THR A 53 -2.62 -27.26 20.65
N LYS A 54 -3.64 -27.26 19.78
CA LYS A 54 -4.45 -28.48 19.54
C LYS A 54 -4.29 -29.01 18.12
N LEU A 55 -3.30 -28.55 17.36
CA LEU A 55 -3.23 -28.93 15.95
C LEU A 55 -2.80 -30.37 15.75
N ASN A 56 -1.86 -30.86 16.57
CA ASN A 56 -1.46 -32.27 16.49
C ASN A 56 -2.57 -33.22 16.92
N ASP A 57 -3.58 -32.73 17.63
CA ASP A 57 -4.66 -33.57 18.12
C ASP A 57 -5.82 -33.68 17.14
N LEU A 58 -5.75 -33.00 15.99
CA LEU A 58 -6.83 -33.01 15.02
C LEU A 58 -6.34 -33.64 13.73
N CYS A 59 -7.31 -34.02 12.90
CA CYS A 59 -7.08 -34.55 11.56
C CYS A 59 -7.87 -33.73 10.55
N PHE A 60 -7.39 -33.67 9.30
CA PHE A 60 -8.07 -32.90 8.28
C PHE A 60 -8.07 -33.63 6.94
N THR A 61 -9.05 -33.26 6.11
CA THR A 61 -9.15 -33.80 4.75
C THR A 61 -7.99 -33.35 3.89
N ASN A 62 -7.73 -32.05 3.90
CA ASN A 62 -6.70 -31.42 3.10
C ASN A 62 -6.12 -30.29 3.94
N VAL A 63 -4.82 -30.09 3.85
CA VAL A 63 -4.17 -28.86 4.31
C VAL A 63 -3.55 -28.19 3.09
N TYR A 64 -3.86 -26.91 2.90
CA TYR A 64 -3.20 -26.06 1.91
C TYR A 64 -2.14 -25.20 2.58
N ALA A 65 -0.96 -25.13 1.97
CA ALA A 65 0.16 -24.31 2.43
C ALA A 65 0.52 -23.34 1.30
N ASP A 66 0.13 -22.08 1.46
CA ASP A 66 0.44 -20.99 0.53
C ASP A 66 1.65 -20.21 1.05
N SER A 67 2.67 -20.02 0.21
CA SER A 67 3.88 -19.31 0.61
C SER A 67 4.26 -18.22 -0.40
N PHE A 68 4.93 -17.17 0.11
CA PHE A 68 5.37 -16.00 -0.67
C PHE A 68 6.25 -15.12 0.21
N VAL A 69 6.71 -13.99 -0.36
CA VAL A 69 7.52 -13.00 0.34
C VAL A 69 6.83 -11.64 0.25
N ILE A 70 6.80 -10.90 1.38
CA ILE A 70 6.30 -9.53 1.45
C ILE A 70 7.19 -8.74 2.42
N ARG A 71 6.93 -7.44 2.54
CA ARG A 71 7.65 -6.62 3.51
C ARG A 71 7.17 -6.91 4.93
N GLY A 72 8.07 -6.68 5.90
CA GLY A 72 7.72 -6.83 7.30
C GLY A 72 6.46 -6.11 7.71
N ASP A 73 6.27 -4.86 7.24
CA ASP A 73 5.09 -4.10 7.66
C ASP A 73 3.84 -4.46 6.88
N GLU A 74 3.91 -5.44 5.98
CA GLU A 74 2.71 -5.95 5.32
C GLU A 74 2.23 -7.29 5.88
N VAL A 75 2.94 -7.89 6.85
CA VAL A 75 2.43 -9.17 7.39
C VAL A 75 1.07 -8.96 8.05
N ARG A 76 0.81 -7.76 8.56
CA ARG A 76 -0.51 -7.44 9.17
C ARG A 76 -1.63 -7.59 8.15
N GLN A 77 -1.34 -7.47 6.86
CA GLN A 77 -2.42 -7.58 5.89
C GLN A 77 -2.80 -9.04 5.61
N ILE A 78 -1.97 -10.00 6.03
CA ILE A 78 -2.27 -11.42 5.86
C ILE A 78 -3.04 -11.89 7.07
N ALA A 79 -4.29 -11.44 7.17
CA ALA A 79 -5.21 -11.74 8.26
C ALA A 79 -6.60 -11.47 7.76
N PRO A 80 -7.62 -12.16 8.28
CA PRO A 80 -8.99 -11.89 7.83
C PRO A 80 -9.39 -10.44 8.03
N GLY A 81 -10.14 -9.90 7.07
CA GLY A 81 -10.71 -8.57 7.18
C GLY A 81 -9.78 -7.40 7.02
N GLN A 82 -8.66 -7.55 6.32
CA GLN A 82 -7.70 -6.45 6.21
C GLN A 82 -7.75 -5.84 4.81
N THR A 83 -7.20 -4.63 4.70
CA THR A 83 -7.16 -3.93 3.42
C THR A 83 -5.82 -3.24 3.24
N GLY A 84 -5.53 -2.88 1.98
CA GLY A 84 -4.22 -2.41 1.58
C GLY A 84 -3.76 -3.03 0.26
N LYS A 85 -2.61 -2.64 -0.27
CA LYS A 85 -2.23 -3.16 -1.61
C LYS A 85 -2.11 -4.69 -1.61
N ILE A 86 -1.63 -5.27 -0.52
CA ILE A 86 -1.37 -6.71 -0.53
C ILE A 86 -2.67 -7.50 -0.40
N ALA A 87 -3.51 -7.12 0.57
CA ALA A 87 -4.80 -7.79 0.73
C ALA A 87 -5.71 -7.51 -0.45
N ASP A 88 -5.74 -6.25 -0.91
CA ASP A 88 -6.62 -5.91 -2.04
C ASP A 88 -6.19 -6.55 -3.35
N TYR A 89 -4.89 -6.59 -3.64
CA TYR A 89 -4.47 -6.91 -5.01
C TYR A 89 -3.55 -8.09 -5.18
N ASN A 90 -3.08 -8.66 -4.06
CA ASN A 90 -2.07 -9.76 -4.16
C ASN A 90 -2.32 -11.09 -3.43
N TYR A 91 -2.87 -11.06 -2.22
CA TYR A 91 -3.24 -12.30 -1.50
C TYR A 91 -4.33 -11.92 -0.51
N LYS A 92 -5.48 -12.57 -0.63
CA LYS A 92 -6.67 -12.17 0.16
C LYS A 92 -7.19 -13.35 0.98
N LEU A 93 -7.27 -13.19 2.30
CA LEU A 93 -7.81 -14.25 3.15
C LEU A 93 -9.31 -14.05 3.37
N PRO A 94 -10.11 -15.11 3.43
CA PRO A 94 -11.55 -14.94 3.63
C PRO A 94 -11.85 -14.48 5.04
N ASP A 95 -13.04 -13.92 5.23
CA ASP A 95 -13.45 -13.47 6.56
C ASP A 95 -13.55 -14.64 7.53
N ASP A 96 -14.09 -15.78 7.07
CA ASP A 96 -14.29 -16.96 7.90
C ASP A 96 -13.10 -17.90 7.88
N PHE A 97 -11.88 -17.36 7.89
CA PHE A 97 -10.69 -18.18 7.66
C PHE A 97 -10.45 -19.15 8.81
N THR A 98 -10.06 -20.38 8.47
CA THR A 98 -9.71 -21.38 9.47
C THR A 98 -8.31 -21.87 9.14
N GLY A 99 -7.34 -21.38 9.90
CA GLY A 99 -5.94 -21.74 9.64
C GLY A 99 -4.96 -20.85 10.38
N CYS A 100 -3.69 -20.92 10.00
CA CYS A 100 -2.65 -20.17 10.73
C CYS A 100 -1.77 -19.39 9.76
N VAL A 101 -1.39 -18.16 10.14
CA VAL A 101 -0.46 -17.35 9.31
C VAL A 101 0.91 -17.34 10.01
N ILE A 102 1.92 -17.91 9.36
CA ILE A 102 3.28 -18.02 9.95
C ILE A 102 4.24 -17.18 9.12
N ALA A 103 5.10 -16.40 9.78
CA ALA A 103 6.04 -15.52 9.06
C ALA A 103 7.38 -15.43 9.78
N TRP A 104 8.44 -15.18 9.03
CA TRP A 104 9.80 -15.04 9.61
C TRP A 104 10.66 -14.11 8.76
N ASN A 105 11.45 -13.27 9.41
CA ASN A 105 12.41 -12.40 8.72
C ASN A 105 13.33 -13.20 7.80
N SER A 106 13.40 -12.81 6.52
CA SER A 106 14.31 -13.46 5.58
C SER A 106 15.29 -12.47 4.96
N ASN A 107 15.72 -11.47 5.74
CA ASN A 107 16.68 -10.48 5.23
C ASN A 107 17.96 -11.17 4.76
N ASN A 108 18.41 -12.19 5.49
CA ASN A 108 19.66 -12.87 5.16
C ASN A 108 19.56 -13.68 3.87
N LEU A 109 18.35 -14.04 3.43
CA LEU A 109 18.23 -14.85 2.25
C LEU A 109 17.64 -14.10 1.08
N ASP A 110 16.83 -13.07 1.34
CA ASP A 110 16.06 -12.44 0.25
C ASP A 110 16.40 -10.96 0.06
N SER A 111 17.49 -10.49 0.67
CA SER A 111 17.94 -9.09 0.52
C SER A 111 19.32 -9.07 -0.14
N LYS A 112 19.58 -8.06 -0.96
CA LYS A 112 20.87 -7.99 -1.69
C LYS A 112 21.37 -6.55 -1.73
N VAL A 113 22.68 -6.35 -1.62
CA VAL A 113 23.21 -5.00 -1.76
C VAL A 113 22.82 -4.48 -3.15
N GLY A 114 22.32 -3.24 -3.19
CA GLY A 114 21.79 -2.70 -4.41
C GLY A 114 20.34 -3.05 -4.70
N GLY A 115 19.78 -4.06 -4.00
CA GLY A 115 18.39 -4.46 -4.13
C GLY A 115 18.19 -5.91 -4.57
N ASN A 116 17.11 -6.53 -4.09
CA ASN A 116 16.72 -7.87 -4.60
C ASN A 116 15.47 -7.63 -5.43
N TYR A 117 15.51 -7.90 -6.74
CA TYR A 117 14.33 -7.55 -7.59
C TYR A 117 13.63 -8.82 -8.09
N ASN A 118 14.00 -9.96 -7.52
CA ASN A 118 13.32 -11.18 -7.91
C ASN A 118 12.02 -11.39 -7.15
N TYR A 119 11.60 -10.41 -6.35
CA TYR A 119 10.32 -10.47 -5.65
C TYR A 119 9.50 -9.28 -6.07
N LEU A 120 8.27 -9.55 -6.51
CA LEU A 120 7.41 -8.53 -7.09
C LEU A 120 6.09 -8.50 -6.35
N TYR A 121 5.35 -7.41 -6.53
CA TYR A 121 3.98 -7.31 -6.06
C TYR A 121 3.18 -6.53 -7.09
N ARG A 122 1.85 -6.64 -7.02
CA ARG A 122 0.95 -5.93 -7.91
C ARG A 122 0.48 -4.66 -7.23
N LEU A 123 0.56 -3.53 -7.94
CA LEU A 123 0.31 -2.21 -7.41
C LEU A 123 -1.05 -1.67 -7.79
N PHE A 124 -1.61 -2.10 -8.93
CA PHE A 124 -2.85 -1.57 -9.48
C PHE A 124 -3.79 -2.71 -9.81
N ARG A 125 -5.09 -2.49 -9.58
CA ARG A 125 -6.06 -3.45 -10.10
C ARG A 125 -7.40 -2.76 -10.24
N LYS A 126 -8.22 -3.29 -11.15
CA LYS A 126 -9.57 -2.77 -11.35
C LYS A 126 -10.43 -2.96 -10.11
N SER A 127 -10.38 -4.14 -9.48
CA SER A 127 -11.19 -4.44 -8.29
C SER A 127 -10.40 -5.27 -7.29
N ASN A 128 -10.83 -5.21 -6.02
CA ASN A 128 -10.22 -6.05 -4.98
C ASN A 128 -10.33 -7.52 -5.36
N LEU A 129 -9.29 -8.29 -5.01
CA LEU A 129 -9.33 -9.74 -5.17
C LEU A 129 -10.37 -10.37 -4.23
N LYS A 130 -10.91 -11.49 -4.66
CA LYS A 130 -11.74 -12.38 -3.86
C LYS A 130 -10.84 -13.33 -3.06
N PRO A 131 -11.32 -13.86 -1.94
CA PRO A 131 -10.47 -14.73 -1.11
C PRO A 131 -9.86 -15.85 -1.92
N PHE A 132 -8.54 -16.03 -1.75
CA PHE A 132 -7.80 -17.12 -2.39
C PHE A 132 -7.79 -17.02 -3.92
N GLU A 133 -8.15 -15.86 -4.49
CA GLU A 133 -7.95 -15.61 -5.92
C GLU A 133 -6.48 -15.32 -6.23
N ARG A 134 -5.99 -15.83 -7.36
CA ARG A 134 -4.62 -15.60 -7.83
C ARG A 134 -4.68 -14.93 -9.20
N ASP A 135 -3.98 -13.80 -9.34
CA ASP A 135 -3.96 -13.02 -10.59
C ASP A 135 -2.50 -12.86 -11.01
N ILE A 136 -2.09 -13.58 -12.05
CA ILE A 136 -0.68 -13.52 -12.54
C ILE A 136 -0.64 -12.75 -13.87
N SER A 137 -1.67 -11.96 -14.15
CA SER A 137 -1.76 -11.16 -15.40
C SER A 137 -0.73 -10.05 -15.42
N THR A 138 -0.17 -9.75 -16.59
CA THR A 138 0.78 -8.64 -16.76
C THR A 138 0.26 -7.72 -17.86
N GLU A 139 -0.95 -7.22 -17.70
CA GLU A 139 -1.55 -6.32 -18.70
C GLU A 139 -1.47 -4.88 -18.22
N ILE A 140 -1.21 -3.95 -19.14
CA ILE A 140 -1.05 -2.52 -18.75
C ILE A 140 -2.33 -2.07 -18.06
N TYR A 141 -2.19 -1.29 -16.99
CA TYR A 141 -3.37 -0.81 -16.22
C TYR A 141 -3.79 0.54 -16.78
N GLN A 142 -5.10 0.72 -17.00
CA GLN A 142 -5.62 1.97 -17.60
C GLN A 142 -6.11 2.91 -16.49
N ALA A 143 -5.19 3.70 -15.92
CA ALA A 143 -5.57 4.65 -14.87
C ALA A 143 -6.32 5.85 -15.40
N GLY A 144 -6.63 5.87 -16.70
CA GLY A 144 -7.40 6.97 -17.26
C GLY A 144 -8.42 6.46 -18.25
N SER A 145 -8.98 7.36 -19.05
CA SER A 145 -10.06 7.01 -19.98
C SER A 145 -9.56 6.43 -21.28
N THR A 146 -8.29 6.62 -21.60
CA THR A 146 -7.70 6.25 -22.88
C THR A 146 -7.23 4.80 -22.87
N PRO A 147 -7.53 4.03 -23.94
CA PRO A 147 -7.04 2.67 -24.06
C PRO A 147 -5.51 2.73 -24.11
N CYS A 148 -4.86 1.61 -23.79
CA CYS A 148 -3.40 1.56 -23.73
C CYS A 148 -2.78 0.72 -24.84
N ASN A 149 -3.55 -0.20 -25.44
CA ASN A 149 -3.08 -1.00 -26.56
C ASN A 149 -1.84 -1.83 -26.20
N GLY A 150 -1.66 -2.13 -24.91
CA GLY A 150 -0.55 -3.00 -24.50
C GLY A 150 0.79 -2.28 -24.49
N VAL A 151 0.75 -0.95 -24.50
CA VAL A 151 2.01 -0.16 -24.51
C VAL A 151 2.00 0.83 -23.35
N GLU A 152 3.11 0.92 -22.63
CA GLU A 152 3.24 1.84 -21.48
C GLU A 152 3.21 3.29 -21.96
N GLY A 153 2.70 4.18 -21.11
CA GLY A 153 2.63 5.60 -21.41
C GLY A 153 1.93 6.32 -20.27
N PHE A 154 1.49 7.55 -20.49
CA PHE A 154 0.90 8.27 -19.36
C PHE A 154 -0.44 7.62 -19.04
N ASN A 155 -0.74 7.48 -17.76
CA ASN A 155 -1.95 6.82 -17.28
C ASN A 155 -2.10 5.42 -17.87
N CYS A 156 -0.98 4.81 -18.28
CA CYS A 156 -0.97 3.44 -18.80
C CYS A 156 0.27 2.72 -18.26
N TYR A 157 0.11 2.12 -17.07
CA TYR A 157 1.22 1.68 -16.23
C TYR A 157 1.28 0.15 -16.14
N PHE A 158 2.46 -0.39 -16.33
CA PHE A 158 2.69 -1.80 -16.05
C PHE A 158 2.35 -2.12 -14.59
N PRO A 159 1.57 -3.17 -14.32
CA PRO A 159 0.94 -3.32 -12.99
C PRO A 159 1.81 -3.92 -11.89
N LEU A 160 3.03 -4.36 -12.19
CA LEU A 160 3.88 -5.07 -11.24
C LEU A 160 5.17 -4.29 -11.01
N GLN A 161 5.64 -4.24 -9.75
CA GLN A 161 6.93 -3.65 -9.36
C GLN A 161 7.74 -4.63 -8.51
N SER A 162 9.05 -4.42 -8.46
CA SER A 162 9.90 -5.22 -7.57
C SER A 162 10.09 -4.52 -6.22
N TYR A 163 10.17 -5.32 -5.17
CA TYR A 163 10.39 -4.77 -3.83
C TYR A 163 11.76 -4.13 -3.71
N GLY A 164 12.78 -4.76 -4.27
CA GLY A 164 14.13 -4.23 -4.13
C GLY A 164 14.60 -4.15 -2.69
N PHE A 165 14.54 -5.28 -1.98
CA PHE A 165 14.94 -5.32 -0.58
C PHE A 165 16.44 -5.06 -0.43
N GLN A 166 16.80 -4.09 0.37
CA GLN A 166 18.23 -3.97 0.64
C GLN A 166 18.52 -4.37 2.07
N PRO A 167 19.64 -5.05 2.33
CA PRO A 167 19.86 -5.58 3.67
C PRO A 167 19.95 -4.51 4.74
N THR A 168 20.18 -3.25 4.38
CA THR A 168 20.24 -2.17 5.36
C THR A 168 18.89 -1.52 5.63
N ASN A 169 17.82 -2.00 5.01
CA ASN A 169 16.47 -1.52 5.34
C ASN A 169 16.19 -1.71 6.82
N GLY A 170 15.25 -0.91 7.34
CA GLY A 170 14.65 -1.23 8.62
C GLY A 170 13.74 -2.43 8.53
N VAL A 171 13.47 -3.05 9.69
CA VAL A 171 12.78 -4.34 9.72
C VAL A 171 11.45 -4.25 8.99
N GLY A 172 10.76 -3.12 9.10
CA GLY A 172 9.47 -3.03 8.43
C GLY A 172 9.58 -3.08 6.92
N TYR A 173 10.77 -2.77 6.38
CA TYR A 173 11.07 -2.77 4.96
C TYR A 173 11.86 -3.98 4.52
N GLN A 174 12.27 -4.84 5.46
CA GLN A 174 12.99 -6.06 5.13
C GLN A 174 12.05 -7.13 4.61
N PRO A 175 12.56 -8.12 3.88
CA PRO A 175 11.71 -9.23 3.39
C PRO A 175 11.34 -10.20 4.50
N TYR A 176 10.10 -10.69 4.45
CA TYR A 176 9.60 -11.76 5.31
C TYR A 176 9.00 -12.86 4.46
N ARG A 177 9.30 -14.12 4.81
CA ARG A 177 8.65 -15.25 4.18
C ARG A 177 7.43 -15.62 5.01
N VAL A 178 6.37 -16.02 4.32
CA VAL A 178 5.06 -16.24 4.90
C VAL A 178 4.55 -17.62 4.47
N VAL A 179 4.00 -18.38 5.40
CA VAL A 179 3.32 -19.63 5.14
C VAL A 179 1.92 -19.53 5.75
N VAL A 180 0.90 -19.71 4.91
CA VAL A 180 -0.50 -19.68 5.33
C VAL A 180 -1.03 -21.11 5.23
N LEU A 181 -1.40 -21.67 6.37
CA LEU A 181 -1.95 -23.03 6.44
C LEU A 181 -3.47 -22.95 6.49
N SER A 182 -4.13 -23.58 5.52
CA SER A 182 -5.59 -23.71 5.51
C SER A 182 -5.98 -25.14 5.89
N PHE A 183 -6.87 -25.27 6.87
CA PHE A 183 -7.31 -26.58 7.36
C PHE A 183 -8.73 -26.87 6.87
N GLU A 184 -8.87 -27.85 5.97
CA GLU A 184 -10.14 -28.23 5.39
C GLU A 184 -10.61 -29.57 5.93
N LEU A 185 -11.93 -29.69 6.13
CA LEU A 185 -12.60 -30.95 6.51
C LEU A 185 -13.81 -31.11 5.60
N LEU A 186 -13.59 -31.64 4.40
CA LEU A 186 -14.69 -31.89 3.48
C LEU A 186 -15.29 -33.27 3.77
N HIS A 187 -16.31 -33.64 2.99
CA HIS A 187 -16.93 -34.96 3.11
C HIS A 187 -15.98 -35.99 2.54
N ALA A 188 -15.13 -36.53 3.41
CA ALA A 188 -14.13 -37.54 3.12
C ALA A 188 -13.51 -37.95 4.45
N PRO A 189 -12.71 -39.01 4.51
CA PRO A 189 -11.93 -39.26 5.73
C PRO A 189 -10.79 -38.25 5.83
N ALA A 190 -10.43 -37.92 7.06
CA ALA A 190 -9.33 -37.01 7.30
C ALA A 190 -8.02 -37.80 7.28
N THR A 191 -7.16 -37.50 6.31
CA THR A 191 -5.90 -38.21 6.12
C THR A 191 -4.66 -37.39 6.53
N VAL A 192 -4.84 -36.21 7.13
CA VAL A 192 -3.71 -35.40 7.62
C VAL A 192 -3.89 -35.28 9.13
N CYS A 193 -3.11 -36.05 9.89
CA CYS A 193 -3.19 -36.07 11.34
C CYS A 193 -1.83 -35.77 11.95
N GLY A 194 -1.84 -35.41 13.23
CA GLY A 194 -0.61 -35.22 13.95
C GLY A 194 0.13 -36.53 14.16
N PRO A 195 1.26 -36.45 14.86
CA PRO A 195 2.07 -37.66 15.09
C PRO A 195 1.33 -38.68 15.94
N LYS A 196 1.62 -39.95 15.69
CA LYS A 196 0.99 -41.07 16.40
C LYS A 196 1.52 -41.20 17.84
N THR B 8 -35.45 10.72 18.54
CA THR B 8 -35.73 11.37 17.24
C THR B 8 -35.25 10.46 16.11
N PRO B 9 -35.82 9.24 15.92
CA PRO B 9 -35.34 8.31 14.90
C PRO B 9 -35.56 8.79 13.46
N ILE B 10 -34.54 8.66 12.59
CA ILE B 10 -34.64 9.03 11.16
C ILE B 10 -33.64 8.19 10.36
N LYS B 11 -33.80 8.07 9.03
CA LYS B 11 -32.77 7.38 8.19
C LYS B 11 -32.70 8.08 6.83
N GLN B 12 -32.03 7.45 5.85
CA GLN B 12 -31.82 8.12 4.55
C GLN B 12 -31.36 9.55 4.82
N ILE B 13 -30.60 9.76 5.89
CA ILE B 13 -29.98 11.10 6.11
C ILE B 13 -28.95 11.15 5.00
N PHE B 14 -28.81 10.01 4.32
CA PHE B 14 -27.85 9.88 3.20
C PHE B 14 -28.69 9.64 1.94
N PRO B 15 -28.97 10.69 1.14
CA PRO B 15 -29.77 10.56 -0.07
C PRO B 15 -29.24 9.49 -1.03
N ASP B 16 -27.92 9.39 -1.17
CA ASP B 16 -27.34 8.38 -2.05
C ASP B 16 -27.72 6.99 -1.53
N ASP B 17 -28.15 6.11 -2.45
CA ASP B 17 -28.59 4.77 -2.07
C ASP B 17 -27.41 3.84 -1.75
N ALA B 18 -26.35 3.89 -2.56
CA ALA B 18 -25.20 3.03 -2.30
C ALA B 18 -24.57 3.36 -0.96
N PHE B 19 -24.39 4.65 -0.67
CA PHE B 19 -23.83 5.07 0.61
C PHE B 19 -24.75 4.70 1.78
N ALA B 20 -26.06 4.79 1.56
CA ALA B 20 -27.02 4.46 2.62
C ALA B 20 -26.89 2.99 3.04
N GLU B 21 -26.84 2.07 2.07
CA GLU B 21 -26.60 0.66 2.40
C GLU B 21 -25.29 0.52 3.16
N THR B 22 -24.29 1.31 2.78
CA THR B 22 -23.02 1.30 3.48
C THR B 22 -23.20 1.68 4.95
N ILE B 23 -24.03 2.70 5.23
CA ILE B 23 -24.33 3.05 6.61
C ILE B 23 -25.20 1.98 7.26
N LYS B 24 -26.12 1.39 6.49
CA LYS B 24 -26.91 0.27 6.97
C LYS B 24 -26.02 -0.88 7.42
N ALA B 25 -25.09 -1.30 6.55
CA ALA B 25 -24.19 -2.40 6.88
C ALA B 25 -23.37 -2.07 8.13
N ASN B 26 -22.87 -0.84 8.22
CA ASN B 26 -22.11 -0.43 9.40
C ASN B 26 -22.94 -0.56 10.68
N LEU B 27 -24.19 -0.10 10.67
CA LEU B 27 -25.03 -0.18 11.84
C LEU B 27 -25.75 -1.53 11.99
N LYS B 28 -25.63 -2.41 11.00
CA LYS B 28 -26.16 -3.79 11.04
C LYS B 28 -27.69 -3.80 11.16
N LYS B 29 -28.35 -3.25 10.13
CA LYS B 29 -29.84 -3.17 10.17
C LYS B 29 -30.41 -3.84 8.91
N LYS B 30 -31.72 -4.11 8.91
CA LYS B 30 -32.36 -4.80 7.75
C LYS B 30 -32.17 -3.97 6.49
N SER B 31 -32.70 -2.74 6.49
CA SER B 31 -32.70 -1.91 5.25
C SER B 31 -32.44 -0.43 5.51
N VAL B 32 -32.36 0.39 4.45
CA VAL B 32 -32.08 1.84 4.57
C VAL B 32 -33.34 2.59 5.02
N THR B 33 -34.45 1.88 5.16
CA THR B 33 -35.69 2.53 5.66
C THR B 33 -35.69 2.50 7.19
N ASP B 34 -34.83 1.66 7.77
CA ASP B 34 -34.79 1.53 9.24
C ASP B 34 -34.36 2.85 9.86
N ALA B 35 -35.12 3.36 10.82
CA ALA B 35 -34.68 4.58 11.49
C ALA B 35 -33.46 4.32 12.38
N VAL B 36 -32.74 5.40 12.70
CA VAL B 36 -31.56 5.36 13.57
C VAL B 36 -31.62 6.55 14.50
N THR B 37 -31.03 6.41 15.68
CA THR B 37 -30.95 7.51 16.62
C THR B 37 -29.68 8.31 16.36
N GLN B 38 -29.53 9.41 17.12
CA GLN B 38 -28.26 10.12 17.13
C GLN B 38 -27.18 9.29 17.83
N ASN B 39 -27.55 8.60 18.91
CA ASN B 39 -26.60 7.73 19.62
C ASN B 39 -25.99 6.71 18.68
N GLU B 40 -26.78 6.19 17.73
CA GLU B 40 -26.27 5.22 16.77
C GLU B 40 -25.36 5.91 15.75
N LEU B 41 -25.71 7.12 15.34
CA LEU B 41 -24.85 7.87 14.44
C LEU B 41 -23.51 8.16 15.09
N ASN B 42 -23.54 8.55 16.37
CA ASN B 42 -22.32 8.78 17.13
C ASN B 42 -21.55 7.48 17.43
N SER B 43 -22.11 6.31 17.09
CA SER B 43 -21.39 5.07 17.30
C SER B 43 -20.43 4.74 16.16
N ILE B 44 -20.58 5.39 15.01
CA ILE B 44 -19.73 5.10 13.84
C ILE B 44 -18.37 5.75 14.06
N ASP B 45 -17.34 4.92 14.14
CA ASP B 45 -15.95 5.36 14.23
C ASP B 45 -15.19 5.12 12.93
N GLN B 46 -15.64 4.14 12.16
CA GLN B 46 -14.93 3.67 10.98
C GLN B 46 -15.93 3.41 9.86
N ILE B 47 -15.67 3.99 8.70
CA ILE B 47 -16.42 3.68 7.49
C ILE B 47 -15.44 3.15 6.45
N TYR B 48 -15.81 2.05 5.81
CA TYR B 48 -14.97 1.39 4.82
C TYR B 48 -15.88 0.96 3.68
N ALA B 49 -15.69 1.56 2.49
CA ALA B 49 -16.57 1.32 1.35
C ALA B 49 -15.76 0.93 0.12
N PRO B 50 -15.31 -0.32 0.05
CA PRO B 50 -14.49 -0.76 -1.09
C PRO B 50 -15.31 -0.89 -2.35
N ASP B 51 -14.68 -0.56 -3.49
CA ASP B 51 -15.20 -0.90 -4.83
C ASP B 51 -16.63 -0.41 -5.02
N SER B 52 -16.91 0.80 -4.54
CA SER B 52 -18.29 1.25 -4.43
C SER B 52 -18.75 2.00 -5.67
N ASP B 53 -20.04 2.29 -5.69
CA ASP B 53 -20.67 3.15 -6.68
C ASP B 53 -21.27 4.39 -6.02
N ILE B 54 -20.79 4.72 -4.82
CA ILE B 54 -21.29 5.88 -4.10
C ILE B 54 -21.11 7.14 -4.94
N LYS B 55 -22.18 7.92 -5.07
CA LYS B 55 -22.14 9.18 -5.79
C LYS B 55 -22.17 10.40 -4.87
N SER B 56 -22.62 10.25 -3.63
CA SER B 56 -22.68 11.37 -2.71
C SER B 56 -22.54 10.86 -1.27
N VAL B 57 -21.74 11.58 -0.48
CA VAL B 57 -21.53 11.23 0.93
C VAL B 57 -22.24 12.25 1.83
N GLN B 58 -23.32 12.82 1.29
CA GLN B 58 -24.16 13.75 2.08
C GLN B 58 -24.73 12.98 3.27
N GLY B 59 -24.72 13.61 4.44
CA GLY B 59 -25.18 12.99 5.66
C GLY B 59 -24.05 12.52 6.55
N ILE B 60 -22.84 12.37 6.00
CA ILE B 60 -21.69 12.00 6.82
C ILE B 60 -21.29 13.12 7.77
N GLN B 61 -21.74 14.35 7.49
CA GLN B 61 -21.38 15.51 8.35
C GLN B 61 -21.94 15.31 9.75
N TYR B 62 -22.84 14.33 9.92
CA TYR B 62 -23.52 14.11 11.23
C TYR B 62 -22.87 12.95 11.99
N LEU B 63 -21.86 12.31 11.40
CA LEU B 63 -21.12 11.23 12.09
C LEU B 63 -19.86 11.90 12.61
N PRO B 64 -19.87 12.47 13.83
CA PRO B 64 -18.76 13.32 14.30
C PRO B 64 -17.57 12.53 14.83
N ASN B 65 -17.80 11.28 15.22
CA ASN B 65 -16.79 10.44 15.85
C ASN B 65 -16.11 9.50 14.86
N VAL B 66 -16.29 9.75 13.56
CA VAL B 66 -15.57 9.01 12.54
C VAL B 66 -14.09 9.36 12.64
N ARG B 67 -13.25 8.32 12.80
CA ARG B 67 -11.81 8.48 12.85
C ARG B 67 -11.10 7.90 11.64
N SER B 68 -11.76 7.03 10.88
CA SER B 68 -11.14 6.33 9.76
C SER B 68 -12.14 6.22 8.63
N LEU B 69 -11.74 6.68 7.45
CA LEU B 69 -12.58 6.63 6.27
C LEU B 69 -11.72 6.19 5.10
N LYS B 70 -12.17 5.15 4.39
CA LYS B 70 -11.50 4.61 3.23
C LYS B 70 -12.57 4.29 2.21
N LEU B 71 -12.41 4.84 1.01
CA LEU B 71 -13.48 4.78 0.03
C LEU B 71 -12.89 4.76 -1.37
N ARG B 72 -13.37 3.83 -2.20
CA ARG B 72 -13.12 3.81 -3.63
C ARG B 72 -14.45 3.93 -4.36
N SER B 73 -14.52 4.86 -5.32
CA SER B 73 -15.71 5.07 -6.12
C SER B 73 -15.29 5.69 -7.45
N ASN B 74 -15.81 5.12 -8.54
CA ASN B 74 -15.57 5.66 -9.86
C ASN B 74 -16.60 6.73 -10.23
N LYS B 75 -17.41 7.17 -9.29
CA LYS B 75 -18.46 8.13 -9.60
C LYS B 75 -18.42 9.39 -8.74
N LEU B 76 -18.12 9.27 -7.44
CA LEU B 76 -18.15 10.42 -6.55
C LEU B 76 -17.12 11.45 -6.99
N HIS B 77 -17.55 12.72 -7.09
CA HIS B 77 -16.66 13.84 -7.40
C HIS B 77 -16.74 15.00 -6.42
N ASP B 78 -17.70 14.99 -5.49
CA ASP B 78 -17.80 16.03 -4.47
C ASP B 78 -17.46 15.43 -3.12
N ILE B 79 -16.67 16.14 -2.33
CA ILE B 79 -16.21 15.62 -1.04
C ILE B 79 -16.30 16.69 0.03
N SER B 80 -17.19 17.68 -0.16
CA SER B 80 -17.23 18.82 0.75
C SER B 80 -17.74 18.45 2.13
N ALA B 81 -18.61 17.43 2.20
CA ALA B 81 -19.23 17.02 3.46
C ALA B 81 -18.18 16.64 4.49
N LEU B 82 -17.02 16.19 4.04
CA LEU B 82 -16.02 15.61 4.92
C LEU B 82 -15.26 16.65 5.74
N LYS B 83 -15.59 17.94 5.55
CA LYS B 83 -14.84 19.02 6.24
C LYS B 83 -15.26 19.13 7.71
N GLU B 84 -16.34 18.46 8.09
CA GLU B 84 -16.84 18.49 9.45
C GLU B 84 -16.34 17.34 10.31
N LEU B 85 -15.61 16.39 9.75
CA LEU B 85 -15.20 15.18 10.47
C LEU B 85 -13.92 15.47 11.27
N THR B 86 -14.08 16.32 12.31
CA THR B 86 -12.93 16.87 13.00
C THR B 86 -12.15 15.83 13.81
N ASN B 87 -12.66 14.62 13.96
CA ASN B 87 -11.94 13.59 14.72
C ASN B 87 -11.21 12.61 13.80
N LEU B 88 -11.17 12.89 12.51
CA LEU B 88 -10.57 11.98 11.54
C LEU B 88 -9.05 11.88 11.75
N THR B 89 -8.57 10.64 11.88
CA THR B 89 -7.12 10.40 11.88
C THR B 89 -6.63 9.66 10.63
N PHE B 90 -7.53 9.00 9.88
CA PHE B 90 -7.14 8.23 8.70
C PHE B 90 -8.16 8.45 7.59
N LEU B 91 -7.71 9.04 6.47
CA LEU B 91 -8.55 9.28 5.31
C LEU B 91 -7.88 8.70 4.08
N PHE B 92 -8.64 7.93 3.29
CA PHE B 92 -8.13 7.20 2.14
C PHE B 92 -9.19 7.24 1.06
N LEU B 93 -8.87 7.83 -0.10
CA LEU B 93 -9.86 8.07 -1.14
C LEU B 93 -9.29 7.75 -2.52
N ASN B 94 -10.01 6.92 -3.28
CA ASN B 94 -9.65 6.49 -4.63
C ASN B 94 -10.82 6.87 -5.53
N LEU B 95 -10.84 8.12 -5.98
CA LEU B 95 -11.96 8.69 -6.74
C LEU B 95 -11.44 9.13 -8.10
N ASN B 96 -11.62 8.29 -9.12
CA ASN B 96 -11.02 8.62 -10.41
C ASN B 96 -11.75 9.74 -11.15
N GLN B 97 -12.74 10.39 -10.53
CA GLN B 97 -13.38 11.58 -11.07
C GLN B 97 -13.12 12.83 -10.25
N LEU B 98 -12.52 12.72 -9.07
CA LEU B 98 -12.23 13.91 -8.29
C LEU B 98 -11.28 14.80 -9.08
N GLN B 99 -11.75 15.97 -9.46
CA GLN B 99 -10.94 16.90 -10.23
C GLN B 99 -10.60 18.17 -9.46
N SER B 100 -11.37 18.50 -8.42
CA SER B 100 -11.15 19.73 -7.70
C SER B 100 -11.33 19.50 -6.21
N LEU B 101 -10.41 20.04 -5.40
CA LEU B 101 -10.53 19.97 -3.96
C LEU B 101 -11.28 21.20 -3.46
N PRO B 102 -12.39 21.04 -2.74
CA PRO B 102 -13.07 22.19 -2.16
C PRO B 102 -12.13 23.04 -1.31
N ASN B 103 -12.41 24.34 -1.27
CA ASN B 103 -11.55 25.29 -0.58
C ASN B 103 -11.56 25.02 0.91
N GLY B 104 -10.37 24.81 1.49
CA GLY B 104 -10.21 24.66 2.93
C GLY B 104 -10.70 23.36 3.52
N VAL B 105 -10.94 22.32 2.69
CA VAL B 105 -11.70 21.14 3.13
C VAL B 105 -11.02 20.48 4.34
N PHE B 106 -9.70 20.40 4.34
CA PHE B 106 -8.98 19.73 5.42
C PHE B 106 -8.63 20.67 6.57
N ASP B 107 -9.08 21.93 6.52
CA ASP B 107 -8.58 22.91 7.48
C ASP B 107 -9.07 22.66 8.90
N LYS B 108 -10.03 21.77 9.11
CA LYS B 108 -10.49 21.46 10.45
C LYS B 108 -10.08 20.07 10.90
N LEU B 109 -9.58 19.24 9.99
CA LEU B 109 -9.21 17.87 10.31
C LEU B 109 -7.82 17.82 10.94
N THR B 110 -7.66 18.58 12.02
CA THR B 110 -6.33 18.81 12.58
C THR B 110 -5.77 17.59 13.29
N ASN B 111 -6.55 16.54 13.48
CA ASN B 111 -6.02 15.33 14.08
C ASN B 111 -5.58 14.31 13.04
N LEU B 112 -5.50 14.72 11.77
CA LEU B 112 -5.20 13.80 10.68
C LEU B 112 -3.74 13.35 10.73
N LYS B 113 -3.54 12.03 10.72
CA LYS B 113 -2.21 11.43 10.71
C LYS B 113 -1.81 10.84 9.37
N GLU B 114 -2.77 10.42 8.55
CA GLU B 114 -2.49 9.71 7.30
C GLU B 114 -3.53 10.13 6.27
N LEU B 115 -3.07 10.67 5.14
CA LEU B 115 -3.92 11.17 4.08
C LEU B 115 -3.54 10.54 2.75
N VAL B 116 -4.51 9.94 2.07
CA VAL B 116 -4.25 9.13 0.88
C VAL B 116 -5.24 9.53 -0.19
N LEU B 117 -4.75 10.12 -1.29
CA LEU B 117 -5.55 10.50 -2.45
C LEU B 117 -4.89 9.92 -3.69
N VAL B 118 -5.49 8.90 -4.30
CA VAL B 118 -4.88 8.22 -5.43
C VAL B 118 -5.89 8.04 -6.56
N GLU B 119 -5.34 7.77 -7.74
CA GLU B 119 -6.08 7.44 -8.96
C GLU B 119 -7.12 8.51 -9.33
N ASN B 120 -6.88 9.77 -8.95
CA ASN B 120 -7.86 10.79 -9.32
C ASN B 120 -7.31 11.59 -10.50
N GLN B 121 -7.90 12.77 -10.74
CA GLN B 121 -7.53 13.62 -11.86
C GLN B 121 -7.03 15.00 -11.47
N LEU B 122 -6.83 15.25 -10.18
CA LEU B 122 -6.28 16.52 -9.74
C LEU B 122 -5.00 16.82 -10.51
N GLN B 123 -5.02 17.90 -11.29
CA GLN B 123 -3.81 18.36 -11.96
C GLN B 123 -3.11 19.44 -11.16
N SER B 124 -3.76 19.97 -10.13
CA SER B 124 -3.18 21.03 -9.31
C SER B 124 -3.77 20.95 -7.91
N LEU B 125 -3.02 21.48 -6.95
CA LEU B 125 -3.44 21.55 -5.56
C LEU B 125 -3.61 23.00 -5.12
N PRO B 126 -4.65 23.29 -4.30
CA PRO B 126 -4.87 24.65 -3.79
C PRO B 126 -3.73 25.08 -2.87
N ASP B 127 -3.49 26.38 -2.75
CA ASP B 127 -2.43 26.89 -1.89
C ASP B 127 -2.77 26.66 -0.42
N GLY B 128 -1.80 26.16 0.34
CA GLY B 128 -1.99 25.96 1.77
C GLY B 128 -2.97 24.87 2.16
N VAL B 129 -3.38 24.01 1.21
CA VAL B 129 -4.43 23.02 1.45
C VAL B 129 -4.16 22.16 2.67
N PHE B 130 -2.89 21.92 3.00
CA PHE B 130 -2.53 21.03 4.10
C PHE B 130 -2.07 21.77 5.36
N ASP B 131 -2.09 23.12 5.35
CA ASP B 131 -1.34 23.88 6.35
C ASP B 131 -1.79 23.60 7.78
N LYS B 132 -3.05 23.19 7.99
CA LYS B 132 -3.55 22.94 9.32
C LYS B 132 -3.26 21.53 9.82
N LEU B 133 -2.90 20.60 8.94
CA LEU B 133 -2.67 19.20 9.33
C LEU B 133 -1.28 19.04 9.94
N THR B 134 -1.03 19.81 11.00
CA THR B 134 0.30 19.85 11.60
C THR B 134 0.69 18.53 12.27
N ASN B 135 -0.24 17.57 12.39
CA ASN B 135 0.06 16.28 13.00
C ASN B 135 0.27 15.16 11.98
N LEU B 136 0.24 15.47 10.69
CA LEU B 136 0.30 14.41 9.68
C LEU B 136 1.67 13.73 9.67
N THR B 137 1.65 12.40 9.60
CA THR B 137 2.84 11.58 9.46
C THR B 137 3.01 11.01 8.04
N LEU B 138 1.93 10.79 7.32
CA LEU B 138 1.95 10.12 6.03
C LEU B 138 1.07 10.85 5.03
N LEU B 139 1.63 11.16 3.86
CA LEU B 139 0.90 11.81 2.76
C LEU B 139 1.20 11.08 1.45
N HIS B 140 0.13 10.55 0.83
CA HIS B 140 0.29 9.81 -0.45
C HIS B 140 -0.61 10.43 -1.52
N LEU B 141 -0.04 10.78 -2.68
CA LEU B 141 -0.82 11.41 -3.77
C LEU B 141 -0.44 10.77 -5.11
N MET B 142 -0.35 9.43 -5.14
CA MET B 142 0.05 8.75 -6.36
C MET B 142 -1.09 8.67 -7.38
N VAL B 143 -0.70 8.36 -8.62
CA VAL B 143 -1.57 8.08 -9.76
C VAL B 143 -2.61 9.17 -9.98
N ASN B 144 -2.25 10.42 -9.72
CA ASN B 144 -3.11 11.51 -10.11
C ASN B 144 -2.43 12.12 -11.33
N GLN B 145 -2.80 13.36 -11.65
CA GLN B 145 -2.26 14.07 -12.81
C GLN B 145 -1.59 15.38 -12.46
N LEU B 146 -0.96 15.44 -11.29
CA LEU B 146 -0.35 16.68 -10.83
C LEU B 146 0.76 17.10 -11.76
N GLN B 147 0.67 18.33 -12.28
CA GLN B 147 1.71 18.87 -13.14
C GLN B 147 2.64 19.84 -12.40
N SER B 148 2.28 20.27 -11.20
CA SER B 148 3.13 21.16 -10.42
C SER B 148 2.66 21.12 -8.98
N LEU B 149 3.51 21.61 -8.10
CA LEU B 149 3.19 21.75 -6.70
C LEU B 149 3.16 23.23 -6.28
N PRO B 150 2.29 23.60 -5.35
CA PRO B 150 2.28 24.98 -4.85
C PRO B 150 3.48 25.26 -3.94
N LYS B 151 3.86 26.53 -3.87
CA LYS B 151 5.01 26.93 -3.06
C LYS B 151 4.73 26.66 -1.59
N GLY B 152 5.67 26.00 -0.91
CA GLY B 152 5.54 25.74 0.51
C GLY B 152 4.31 24.91 0.88
N VAL B 153 3.84 24.06 -0.03
CA VAL B 153 2.60 23.31 0.21
C VAL B 153 2.76 22.33 1.37
N PHE B 154 3.99 21.88 1.64
CA PHE B 154 4.27 20.96 2.73
C PHE B 154 4.92 21.64 3.92
N ASP B 155 5.00 22.97 3.92
CA ASP B 155 5.86 23.64 4.90
C ASP B 155 5.39 23.43 6.33
N LYS B 156 4.08 23.24 6.53
CA LYS B 156 3.55 23.11 7.89
C LYS B 156 3.43 21.67 8.40
N LEU B 157 3.78 20.68 7.59
CA LEU B 157 3.66 19.29 7.98
C LEU B 157 4.99 18.92 8.62
N THR B 158 5.34 19.56 9.74
CA THR B 158 6.70 19.35 10.24
C THR B 158 6.93 17.94 10.77
N ASN B 159 5.88 17.13 10.90
CA ASN B 159 6.01 15.80 11.46
C ASN B 159 5.84 14.71 10.40
N LEU B 160 5.89 15.08 9.12
CA LEU B 160 5.74 14.10 8.05
C LEU B 160 6.93 13.16 8.02
N THR B 161 6.64 11.86 7.89
CA THR B 161 7.70 10.83 7.83
C THR B 161 7.68 10.13 6.46
N GLU B 162 6.55 10.15 5.76
CA GLU B 162 6.41 9.46 4.46
C GLU B 162 5.67 10.36 3.46
N LEU B 163 6.24 10.57 2.28
CA LEU B 163 5.59 11.39 1.21
C LEU B 163 5.69 10.66 -0.13
N ASP B 164 4.55 10.37 -0.75
CA ASP B 164 4.56 9.61 -2.02
C ASP B 164 3.92 10.45 -3.13
N LEU B 165 4.72 10.86 -4.11
CA LEU B 165 4.24 11.66 -5.22
C LEU B 165 4.42 10.95 -6.54
N SER B 166 4.53 9.63 -6.51
CA SER B 166 4.85 8.88 -7.71
C SER B 166 3.64 8.77 -8.63
N TYR B 167 3.92 8.41 -9.89
CA TYR B 167 2.91 8.22 -10.93
C TYR B 167 2.10 9.49 -11.17
N ASN B 168 2.80 10.62 -11.28
CA ASN B 168 2.12 11.85 -11.68
C ASN B 168 2.74 12.43 -12.95
N GLN B 169 2.56 13.73 -13.18
CA GLN B 169 3.07 14.41 -14.36
C GLN B 169 3.92 15.59 -13.96
N LEU B 170 4.53 15.54 -12.78
CA LEU B 170 5.32 16.64 -12.26
C LEU B 170 6.47 16.98 -13.21
N GLN B 171 6.53 18.24 -13.65
CA GLN B 171 7.60 18.71 -14.50
C GLN B 171 8.68 19.46 -13.73
N SER B 172 8.35 19.98 -12.55
CA SER B 172 9.32 20.70 -11.75
C SER B 172 8.90 20.65 -10.29
N LEU B 173 9.83 20.98 -9.41
CA LEU B 173 9.53 21.09 -7.99
C LEU B 173 9.84 22.50 -7.49
N PRO B 174 8.95 23.10 -6.69
CA PRO B 174 9.23 24.43 -6.13
C PRO B 174 10.52 24.45 -5.33
N GLU B 175 11.05 25.66 -5.14
CA GLU B 175 12.28 25.83 -4.38
C GLU B 175 12.02 25.56 -2.91
N GLY B 176 12.93 24.82 -2.26
CA GLY B 176 12.85 24.52 -0.85
C GLY B 176 11.58 23.84 -0.40
N VAL B 177 10.92 23.08 -1.28
CA VAL B 177 9.60 22.53 -0.98
C VAL B 177 9.64 21.49 0.15
N PHE B 178 10.78 20.82 0.34
CA PHE B 178 10.91 19.82 1.40
C PHE B 178 11.68 20.34 2.60
N ASP B 179 11.99 21.65 2.63
CA ASP B 179 12.95 22.17 3.59
C ASP B 179 12.48 22.01 5.03
N LYS B 180 11.17 22.08 5.29
CA LYS B 180 10.70 21.99 6.67
C LYS B 180 10.55 20.54 7.16
N LEU B 181 10.57 19.55 6.26
CA LEU B 181 10.22 18.17 6.60
C LEU B 181 11.40 17.44 7.23
N THR B 182 11.82 17.92 8.40
CA THR B 182 13.06 17.45 9.00
C THR B 182 12.97 16.04 9.54
N GLN B 183 11.78 15.45 9.66
CA GLN B 183 11.67 14.06 10.08
C GLN B 183 11.26 13.13 8.94
N LEU B 184 11.36 13.57 7.69
CA LEU B 184 10.97 12.71 6.57
C LEU B 184 11.94 11.55 6.46
N LYS B 185 11.43 10.34 6.28
CA LYS B 185 12.34 9.16 6.15
C LYS B 185 12.12 8.48 4.80
N ASP B 186 10.97 8.68 4.19
CA ASP B 186 10.61 7.97 2.96
C ASP B 186 10.01 8.99 2.01
N LEU B 187 10.62 9.15 0.81
CA LEU B 187 10.13 10.09 -0.20
C LEU B 187 10.19 9.45 -1.58
N ARG B 188 9.06 9.44 -2.31
CA ARG B 188 8.99 8.77 -3.62
C ARG B 188 8.64 9.79 -4.69
N LEU B 189 9.56 9.98 -5.65
CA LEU B 189 9.34 10.88 -6.77
C LEU B 189 9.34 10.15 -8.12
N TYR B 190 9.29 8.82 -8.12
CA TYR B 190 9.48 8.06 -9.35
C TYR B 190 8.22 8.10 -10.21
N GLN B 191 8.41 7.82 -11.50
CA GLN B 191 7.31 7.84 -12.46
C GLN B 191 6.67 9.23 -12.58
N ASN B 192 7.49 10.20 -12.97
CA ASN B 192 7.02 11.56 -13.20
C ASN B 192 7.68 12.10 -14.46
N GLN B 193 7.62 13.41 -14.66
CA GLN B 193 8.21 14.05 -15.85
C GLN B 193 9.30 15.04 -15.46
N LEU B 194 10.02 14.79 -14.36
CA LEU B 194 11.00 15.73 -13.84
C LEU B 194 12.28 15.68 -14.68
N LYS B 195 12.62 16.82 -15.30
CA LYS B 195 13.90 16.99 -15.97
C LYS B 195 14.99 17.44 -15.02
N SER B 196 14.64 18.03 -13.88
CA SER B 196 15.66 18.55 -12.97
C SER B 196 15.02 18.83 -11.62
N VAL B 197 15.87 18.95 -10.59
CA VAL B 197 15.40 19.35 -9.27
C VAL B 197 16.10 20.66 -8.92
N PRO B 198 15.50 21.44 -8.01
CA PRO B 198 16.20 22.63 -7.52
C PRO B 198 17.46 22.24 -6.76
N ASP B 199 18.51 23.03 -6.93
CA ASP B 199 19.70 22.91 -6.08
C ASP B 199 19.32 22.90 -4.60
N GLY B 200 19.92 21.98 -3.85
CA GLY B 200 19.69 21.90 -2.40
C GLY B 200 18.30 21.48 -1.97
N VAL B 201 17.47 20.93 -2.88
CA VAL B 201 16.09 20.60 -2.54
C VAL B 201 16.01 19.50 -1.47
N PHE B 202 17.09 18.72 -1.34
CA PHE B 202 17.12 17.63 -0.34
C PHE B 202 18.09 17.94 0.79
N ASP B 203 18.71 19.12 0.82
CA ASP B 203 19.74 19.33 1.85
C ASP B 203 19.32 19.29 3.32
N ARG B 204 18.07 19.63 3.64
CA ARG B 204 17.62 19.65 5.02
C ARG B 204 16.92 18.37 5.48
N LEU B 205 16.78 17.35 4.62
CA LEU B 205 16.10 16.11 5.00
C LEU B 205 17.09 15.21 5.74
N THR B 206 17.26 15.51 7.04
CA THR B 206 18.34 14.90 7.82
C THR B 206 17.98 13.51 8.36
N SER B 207 16.70 13.14 8.33
CA SER B 207 16.27 11.81 8.73
C SER B 207 15.98 10.88 7.55
N LEU B 208 16.25 11.32 6.31
CA LEU B 208 15.91 10.50 5.15
C LEU B 208 16.64 9.16 5.15
N GLN B 209 15.87 8.07 4.98
CA GLN B 209 16.43 6.72 4.83
C GLN B 209 16.12 6.06 3.49
N TYR B 210 15.05 6.45 2.81
CA TYR B 210 14.68 5.81 1.54
C TYR B 210 14.21 6.86 0.53
N ILE B 211 14.80 6.88 -0.67
CA ILE B 211 14.30 7.78 -1.72
C ILE B 211 14.25 7.07 -3.08
N TRP B 212 13.17 7.31 -3.83
CA TRP B 212 12.94 6.76 -5.16
C TRP B 212 12.96 7.88 -6.19
N LEU B 213 13.86 7.78 -7.17
CA LEU B 213 14.04 8.81 -8.19
C LEU B 213 13.89 8.33 -9.64
N HIS B 214 13.64 7.05 -9.89
CA HIS B 214 13.73 6.52 -11.25
C HIS B 214 12.48 6.86 -12.08
N ASP B 215 12.50 6.45 -13.35
CA ASP B 215 11.47 6.81 -14.34
C ASP B 215 11.11 8.31 -14.31
N ASN B 216 12.14 9.15 -14.43
CA ASN B 216 12.00 10.56 -14.78
C ASN B 216 12.97 10.86 -15.90
N PRO B 217 12.63 11.80 -16.81
CA PRO B 217 13.55 12.11 -17.93
C PRO B 217 14.61 13.13 -17.54
N TRP B 218 15.55 12.70 -16.71
CA TRP B 218 16.57 13.61 -16.18
C TRP B 218 17.40 14.21 -17.31
N ASP B 219 17.53 15.53 -17.30
CA ASP B 219 18.40 16.22 -18.25
C ASP B 219 19.80 16.24 -17.64
N CYS B 220 20.71 15.43 -18.20
CA CYS B 220 22.07 15.33 -17.68
C CYS B 220 23.06 16.28 -18.36
N THR B 221 22.63 17.49 -18.73
CA THR B 221 23.56 18.52 -19.16
C THR B 221 24.18 19.19 -17.94
N CYS B 222 25.52 19.43 -18.00
CA CYS B 222 26.20 20.18 -16.95
C CYS B 222 26.03 21.68 -17.20
N PRO B 223 25.89 22.50 -16.14
CA PRO B 223 25.92 22.12 -14.72
C PRO B 223 24.57 21.74 -14.12
N GLY B 224 23.51 21.71 -14.93
CA GLY B 224 22.17 21.52 -14.39
C GLY B 224 22.02 20.28 -13.53
N ILE B 225 22.62 19.16 -13.97
CA ILE B 225 22.51 17.89 -13.24
C ILE B 225 23.52 17.77 -12.11
N ARG B 226 24.33 18.80 -11.86
CA ARG B 226 25.47 18.63 -10.94
C ARG B 226 25.00 18.31 -9.52
N TYR B 227 24.07 19.08 -8.98
CA TYR B 227 23.61 18.84 -7.62
C TYR B 227 23.02 17.44 -7.48
N LEU B 228 22.21 16.99 -8.44
CA LEU B 228 21.60 15.67 -8.29
C LEU B 228 22.66 14.57 -8.39
N SER B 229 23.59 14.68 -9.35
CA SER B 229 24.58 13.63 -9.48
C SER B 229 25.45 13.57 -8.23
N GLU B 230 25.85 14.72 -7.71
CA GLU B 230 26.69 14.70 -6.53
C GLU B 230 25.91 14.24 -5.30
N TRP B 231 24.63 14.63 -5.18
CA TRP B 231 23.85 14.18 -4.05
C TRP B 231 23.67 12.67 -4.05
N ILE B 232 23.40 12.07 -5.22
CA ILE B 232 23.16 10.62 -5.28
C ILE B 232 24.41 9.87 -4.87
N ASN B 233 25.59 10.37 -5.27
CA ASN B 233 26.83 9.69 -4.89
C ASN B 233 27.13 9.85 -3.42
N LYS B 234 26.79 10.99 -2.83
CA LYS B 234 27.04 11.16 -1.41
C LYS B 234 26.03 10.37 -0.57
N HIS B 235 24.79 10.24 -1.03
CA HIS B 235 23.73 9.60 -0.28
C HIS B 235 23.26 8.30 -0.94
N SER B 236 24.19 7.58 -1.55
CA SER B 236 23.80 6.43 -2.34
C SER B 236 23.19 5.32 -1.50
N GLY B 237 23.48 5.29 -0.19
CA GLY B 237 22.92 4.29 0.70
C GLY B 237 21.42 4.45 0.91
N VAL B 238 20.89 5.63 0.60
CA VAL B 238 19.49 5.94 0.84
C VAL B 238 18.63 5.76 -0.42
N VAL B 239 19.25 5.62 -1.59
CA VAL B 239 18.49 5.43 -2.82
C VAL B 239 17.92 4.02 -2.89
N ARG B 240 16.64 3.92 -3.26
CA ARG B 240 15.96 2.64 -3.48
C ARG B 240 15.35 2.64 -4.87
N SER B 241 14.92 1.45 -5.31
CA SER B 241 14.36 1.29 -6.64
C SER B 241 13.33 0.16 -6.66
N PHE B 242 12.26 0.39 -7.43
CA PHE B 242 11.24 -0.60 -7.71
C PHE B 242 11.43 -1.23 -9.09
N ILE B 243 12.47 -0.86 -9.81
CA ILE B 243 12.80 -1.52 -11.07
C ILE B 243 14.16 -2.18 -10.87
N PRO B 244 14.42 -3.33 -11.52
CA PRO B 244 15.67 -4.06 -11.27
C PRO B 244 16.86 -3.34 -11.89
N LEU B 245 17.61 -2.67 -11.02
CA LEU B 245 18.83 -1.94 -11.32
C LEU B 245 19.54 -1.71 -9.99
N TRP B 246 20.86 -1.73 -10.02
CA TRP B 246 21.62 -1.20 -8.91
C TRP B 246 21.01 0.14 -8.50
N ALA B 247 20.46 0.19 -7.28
CA ALA B 247 19.57 1.30 -6.90
C ALA B 247 20.18 2.68 -7.10
N PRO B 248 21.43 2.96 -6.70
CA PRO B 248 21.99 4.30 -6.98
C PRO B 248 22.04 4.64 -8.46
N ASP B 249 22.08 3.63 -9.34
CA ASP B 249 22.10 3.82 -10.78
C ASP B 249 20.72 3.86 -11.40
N SER B 250 19.65 3.86 -10.60
CA SER B 250 18.30 3.75 -11.18
C SER B 250 17.80 5.08 -11.76
N ALA B 251 18.35 6.22 -11.33
CA ALA B 251 18.04 7.49 -11.97
C ALA B 251 18.88 7.62 -13.25
N LYS B 252 18.22 7.70 -14.41
CA LYS B 252 18.90 7.62 -15.70
C LYS B 252 18.69 8.88 -16.53
N CYS B 253 19.72 9.24 -17.28
CA CYS B 253 19.67 10.40 -18.18
C CYS B 253 18.75 10.13 -19.38
N SER B 254 17.90 11.10 -19.72
CA SER B 254 17.13 10.99 -20.96
C SER B 254 18.08 11.02 -22.14
N GLY B 255 17.82 10.18 -23.13
CA GLY B 255 18.75 10.07 -24.24
C GLY B 255 19.84 9.04 -24.03
N SER B 256 20.85 9.38 -23.25
CA SER B 256 21.96 8.44 -23.03
C SER B 256 21.49 7.15 -22.38
N GLY B 257 20.53 7.24 -21.45
CA GLY B 257 20.24 6.10 -20.61
C GLY B 257 21.33 5.80 -19.61
N LYS B 258 22.34 6.67 -19.53
CA LYS B 258 23.38 6.53 -18.54
C LYS B 258 22.85 6.93 -17.16
N PRO B 259 23.42 6.37 -16.10
CA PRO B 259 23.00 6.77 -14.74
C PRO B 259 23.37 8.22 -14.43
N VAL B 260 22.43 8.92 -13.79
CA VAL B 260 22.66 10.30 -13.36
C VAL B 260 23.93 10.43 -12.55
N ARG B 261 24.21 9.44 -11.66
CA ARG B 261 25.35 9.54 -10.77
C ARG B 261 26.68 9.30 -11.47
N SER B 262 26.67 8.85 -12.71
CA SER B 262 27.89 8.72 -13.50
C SER B 262 28.30 10.02 -14.20
N ILE B 263 27.52 11.09 -14.04
CA ILE B 263 27.82 12.36 -14.76
C ILE B 263 28.70 13.25 -13.89
N ILE B 264 29.93 13.53 -14.34
CA ILE B 264 30.89 14.37 -13.58
C ILE B 264 30.86 15.79 -14.14
N CYS B 265 30.18 16.69 -13.45
CA CYS B 265 30.04 18.09 -13.91
C CYS B 265 31.15 18.93 -13.29
N PRO B 266 31.80 19.80 -14.08
CA PRO B 266 32.88 20.63 -13.58
C PRO B 266 32.56 21.54 -12.38
N THR B 267 33.56 21.79 -11.53
CA THR B 267 33.41 22.65 -10.31
C THR B 267 32.05 22.39 -9.67
#